data_8QUW
#
_entry.id   8QUW
#
_cell.length_a   90.472
_cell.length_b   90.472
_cell.length_c   56.688
_cell.angle_alpha   90.00
_cell.angle_beta   90.00
_cell.angle_gamma   120.00
#
_symmetry.space_group_name_H-M   'P 6'
#
loop_
_entity.id
_entity.type
_entity.pdbx_description
1 polymer 'Spacer peptide 1'
2 non-polymer (4~{R})-7-oxidanyl-4-phenyl-3,4-dihydro-1~{H}-quinolin-2-one
3 non-polymer 1,2-ETHANEDIOL
4 water water
#
_entity_poly.entity_id   1
_entity_poly.type   'polypeptide(L)'
_entity_poly.pdbx_seq_one_letter_code
;PIVQNLQGQMVHQCISPRTLNAWVKVVEEKAFSPEVIPMFSALSCGATPQDLNTMLNTVGGHQAAMQMLKETINEEAAEW
DRLHPVHAGPIAPGQMREPRGSDIAGTTSTLQEQIGWMTHNPPIPVGEIYKRWIILGLNKIVRMYSPTSILDIRQGPKEP
FRDYVDRFYKTLRAEQASQEVKNAATETLLVQNANPDCKTILKALGPGATLEEMMTACQGVGGPGHKARVL
;
_entity_poly.pdbx_strand_id   A
#
# COMPACT_ATOMS: atom_id res chain seq x y z
N PRO A 1 -13.08 -13.84 2.48
CA PRO A 1 -12.16 -13.73 3.60
C PRO A 1 -12.40 -14.82 4.62
N ILE A 2 -11.60 -14.82 5.68
CA ILE A 2 -11.82 -15.68 6.82
C ILE A 2 -12.26 -14.75 7.96
N VAL A 3 -13.38 -15.08 8.58
CA VAL A 3 -13.98 -14.30 9.68
C VAL A 3 -14.38 -15.19 10.86
N GLN A 4 -14.50 -14.56 12.00
CA GLN A 4 -15.12 -15.21 13.15
C GLN A 4 -16.62 -15.11 12.97
N ASN A 5 -17.29 -16.17 13.23
CA ASN A 5 -18.75 -16.13 13.13
C ASN A 5 -19.34 -15.32 14.37
N LEU A 6 -20.63 -15.46 14.66
CA LEU A 6 -21.20 -14.96 15.95
C LEU A 6 -20.83 -15.82 17.19
N GLN A 7 -20.31 -17.03 16.96
CA GLN A 7 -19.91 -18.01 17.97
C GLN A 7 -18.35 -18.21 18.09
N GLY A 8 -17.56 -17.27 17.58
CA GLY A 8 -16.10 -17.39 17.68
C GLY A 8 -15.27 -18.54 17.04
N GLN A 9 -15.74 -19.21 15.98
CA GLN A 9 -14.82 -20.08 15.16
C GLN A 9 -14.47 -19.40 13.80
N MET A 10 -13.27 -19.65 13.28
CA MET A 10 -12.76 -18.92 12.10
C MET A 10 -13.20 -19.66 10.85
N VAL A 11 -14.01 -18.97 10.05
CA VAL A 11 -14.56 -19.61 8.89
C VAL A 11 -14.44 -18.76 7.65
N HIS A 12 -14.54 -19.39 6.48
CA HIS A 12 -14.47 -18.71 5.23
C HIS A 12 -15.81 -18.11 4.93
N GLN A 13 -15.79 -16.91 4.39
CA GLN A 13 -16.94 -16.21 3.84
C GLN A 13 -16.62 -15.68 2.44
N CYS A 14 -17.61 -15.77 1.58
CA CYS A 14 -17.52 -15.26 0.24
C CYS A 14 -17.17 -13.76 0.34
N ILE A 15 -16.27 -13.30 -0.48
CA ILE A 15 -16.11 -11.91 -0.76
C ILE A 15 -17.39 -11.28 -1.26
N SER A 16 -17.73 -10.12 -0.73
CA SER A 16 -19.06 -9.52 -0.99
C SER A 16 -19.07 -8.66 -2.25
N PRO A 17 -20.26 -8.53 -2.87
CA PRO A 17 -20.41 -7.61 -4.00
C PRO A 17 -19.99 -6.18 -3.67
N ARG A 18 -20.24 -5.77 -2.44
CA ARG A 18 -19.86 -4.44 -2.03
C ARG A 18 -18.37 -4.29 -1.97
N THR A 19 -17.68 -5.26 -1.39
CA THR A 19 -16.21 -5.22 -1.40
C THR A 19 -15.65 -5.17 -2.84
N LEU A 20 -16.17 -6.06 -3.69
CA LEU A 20 -15.67 -6.24 -5.04
C LEU A 20 -15.84 -4.93 -5.81
N ASN A 21 -17.03 -4.35 -5.70
CA ASN A 21 -17.33 -3.09 -6.35
C ASN A 21 -16.48 -1.89 -5.83
N ALA A 22 -16.34 -1.80 -4.52
CA ALA A 22 -15.55 -0.75 -3.86
C ALA A 22 -14.14 -0.68 -4.45
N TRP A 23 -13.48 -1.85 -4.53
CA TRP A 23 -12.11 -1.87 -5.00
C TRP A 23 -12.04 -1.45 -6.47
N VAL A 24 -12.91 -2.04 -7.29
CA VAL A 24 -12.91 -1.70 -8.74
C VAL A 24 -13.12 -0.22 -8.94
N LYS A 25 -14.10 0.34 -8.23
CA LYS A 25 -14.37 1.80 -8.29
C LYS A 25 -13.24 2.70 -7.74
N VAL A 26 -12.59 2.31 -6.66
CA VAL A 26 -11.48 3.13 -6.19
C VAL A 26 -10.35 3.16 -7.23
N VAL A 27 -10.07 2.02 -7.86
CA VAL A 27 -9.05 2.03 -8.94
C VAL A 27 -9.46 2.84 -10.15
N GLU A 28 -10.72 2.78 -10.54
CA GLU A 28 -11.24 3.56 -11.65
C GLU A 28 -11.13 5.05 -11.38
N GLU A 29 -11.46 5.45 -10.18
CA GLU A 29 -11.52 6.83 -9.82
C GLU A 29 -10.16 7.45 -9.41
N LYS A 30 -9.29 6.70 -8.75
CA LYS A 30 -8.05 7.24 -8.16
C LYS A 30 -6.76 6.70 -8.76
N ALA A 31 -6.87 5.71 -9.63
CA ALA A 31 -5.68 5.05 -10.20
C ALA A 31 -4.72 4.64 -9.10
N PHE A 32 -3.45 5.07 -9.20
CA PHE A 32 -2.47 4.79 -8.17
C PHE A 32 -2.02 5.99 -7.36
N SER A 33 -2.98 6.85 -7.06
CA SER A 33 -2.72 7.85 -6.07
C SER A 33 -2.46 7.07 -4.74
N PRO A 34 -1.51 7.55 -3.90
CA PRO A 34 -1.09 6.79 -2.69
C PRO A 34 -2.19 6.35 -1.77
N GLU A 35 -3.29 7.07 -1.70
CA GLU A 35 -4.37 6.68 -0.78
C GLU A 35 -5.11 5.41 -1.23
N VAL A 36 -4.83 4.92 -2.44
CA VAL A 36 -5.42 3.69 -2.88
C VAL A 36 -4.90 2.51 -2.10
N ILE A 37 -3.66 2.61 -1.64
CA ILE A 37 -3.01 1.52 -0.97
C ILE A 37 -3.67 1.18 0.35
N PRO A 38 -3.85 2.16 1.24
CA PRO A 38 -4.51 1.83 2.52
C PRO A 38 -5.99 1.41 2.29
N MET A 39 -6.63 1.90 1.22
CA MET A 39 -7.95 1.45 0.87
C MET A 39 -7.87 -0.05 0.47
N PHE A 40 -6.91 -0.40 -0.35
CA PHE A 40 -6.72 -1.79 -0.70
C PHE A 40 -6.57 -2.64 0.52
N SER A 41 -5.72 -2.19 1.44
CA SER A 41 -5.42 -2.97 2.63
C SER A 41 -6.70 -3.22 3.45
N ALA A 42 -7.53 -2.19 3.57
CA ALA A 42 -8.73 -2.27 4.40
C ALA A 42 -9.84 -3.08 3.72
N LEU A 43 -9.98 -2.91 2.41
CA LEU A 43 -10.89 -3.72 1.68
C LEU A 43 -10.53 -5.23 1.69
N SER A 44 -9.26 -5.55 1.85
CA SER A 44 -8.81 -6.94 1.93
C SER A 44 -8.58 -7.49 3.36
N CYS A 45 -9.21 -6.88 4.34
CA CYS A 45 -9.19 -7.33 5.69
C CYS A 45 -9.69 -8.78 5.74
N GLY A 46 -8.88 -9.64 6.30
CA GLY A 46 -9.15 -11.08 6.38
C GLY A 46 -9.10 -11.87 5.09
N ALA A 47 -8.55 -11.30 4.01
CA ALA A 47 -8.55 -11.97 2.69
C ALA A 47 -7.73 -13.21 2.67
N THR A 48 -8.22 -14.24 1.97
CA THR A 48 -7.36 -15.33 1.57
C THR A 48 -6.50 -14.89 0.36
N PRO A 49 -5.49 -15.68 0.01
CA PRO A 49 -4.81 -15.36 -1.22
C PRO A 49 -5.72 -15.39 -2.46
N GLN A 50 -6.69 -16.29 -2.46
CA GLN A 50 -7.71 -16.29 -3.49
C GLN A 50 -8.41 -14.98 -3.57
N ASP A 51 -8.82 -14.43 -2.44
CA ASP A 51 -9.51 -13.14 -2.46
C ASP A 51 -8.62 -12.01 -2.98
N LEU A 52 -7.34 -12.04 -2.60
CA LEU A 52 -6.40 -11.03 -3.06
C LEU A 52 -6.22 -11.10 -4.57
N ASN A 53 -6.15 -12.31 -5.14
CA ASN A 53 -6.08 -12.46 -6.64
C ASN A 53 -7.35 -11.95 -7.29
N THR A 54 -8.48 -12.24 -6.66
CA THR A 54 -9.74 -11.79 -7.15
C THR A 54 -9.74 -10.31 -7.30
N MET A 55 -9.30 -9.63 -6.25
CA MET A 55 -9.37 -8.16 -6.29
C MET A 55 -8.43 -7.62 -7.40
N LEU A 56 -7.21 -8.14 -7.43
CA LEU A 56 -6.27 -7.71 -8.43
C LEU A 56 -6.75 -8.01 -9.87
N ASN A 57 -7.33 -9.19 -10.06
CA ASN A 57 -7.80 -9.63 -11.35
C ASN A 57 -9.04 -8.91 -11.85
N THR A 58 -9.86 -8.38 -10.93
CA THR A 58 -11.02 -7.66 -11.37
C THR A 58 -10.70 -6.29 -11.92
N VAL A 59 -9.45 -5.87 -11.79
CA VAL A 59 -9.06 -4.59 -12.35
C VAL A 59 -8.94 -4.74 -13.88
N GLY A 60 -9.62 -3.86 -14.61
CA GLY A 60 -9.66 -3.94 -16.06
C GLY A 60 -8.55 -3.08 -16.67
N GLY A 61 -8.27 -1.90 -16.18
CA GLY A 61 -7.21 -1.13 -16.90
C GLY A 61 -5.84 -1.40 -16.28
N HIS A 62 -4.94 -0.47 -16.46
CA HIS A 62 -3.68 -0.46 -15.76
C HIS A 62 -2.91 -1.75 -15.86
N GLN A 63 -2.95 -2.39 -17.01
CA GLN A 63 -2.23 -3.69 -17.14
C GLN A 63 -0.70 -3.63 -17.08
N ALA A 64 -0.11 -2.48 -17.37
CA ALA A 64 1.31 -2.33 -17.21
C ALA A 64 1.65 -2.48 -15.73
N ALA A 65 0.94 -1.73 -14.88
CA ALA A 65 1.05 -1.84 -13.44
C ALA A 65 0.82 -3.29 -12.99
N MET A 66 -0.31 -3.93 -13.44
CA MET A 66 -0.56 -5.32 -13.01
C MET A 66 0.59 -6.27 -13.39
N GLN A 67 1.22 -6.06 -14.55
CA GLN A 67 2.33 -6.90 -14.93
C GLN A 67 3.57 -6.59 -14.03
N MET A 68 3.82 -5.32 -13.73
CA MET A 68 4.90 -4.97 -12.80
C MET A 68 4.62 -5.65 -11.48
N LEU A 69 3.35 -5.61 -11.06
CA LEU A 69 3.00 -6.23 -9.79
C LEU A 69 3.35 -7.74 -9.69
N LYS A 70 2.99 -8.46 -10.73
CA LYS A 70 3.34 -9.83 -10.92
C LYS A 70 4.84 -10.08 -10.79
N GLU A 71 5.62 -9.22 -11.40
CA GLU A 71 7.06 -9.32 -11.31
C GLU A 71 7.53 -9.18 -9.83
N THR A 72 6.95 -8.22 -9.11
CA THR A 72 7.31 -8.00 -7.72
C THR A 72 6.92 -9.24 -6.91
N ILE A 73 5.69 -9.76 -7.13
CA ILE A 73 5.20 -10.92 -6.43
C ILE A 73 6.10 -12.14 -6.71
N ASN A 74 6.50 -12.32 -7.95
CA ASN A 74 7.43 -13.39 -8.31
C ASN A 74 8.79 -13.26 -7.56
N GLU A 75 9.30 -12.03 -7.45
CA GLU A 75 10.52 -11.77 -6.72
C GLU A 75 10.34 -12.19 -5.27
N GLU A 76 9.22 -11.82 -4.63
CA GLU A 76 9.02 -12.14 -3.21
C GLU A 76 8.82 -13.59 -3.00
N ALA A 77 8.11 -14.22 -3.93
CA ALA A 77 7.85 -15.62 -3.86
C ALA A 77 9.20 -16.37 -3.89
N ALA A 78 10.08 -15.92 -4.78
CA ALA A 78 11.36 -16.61 -4.99
C ALA A 78 12.20 -16.46 -3.72
N GLU A 79 12.16 -15.28 -3.08
CA GLU A 79 12.81 -15.09 -1.79
C GLU A 79 12.20 -15.96 -0.68
N TRP A 80 10.85 -16.03 -0.60
CA TRP A 80 10.20 -16.95 0.29
C TRP A 80 10.77 -18.39 0.08
N ASP A 81 10.86 -18.83 -1.15
CA ASP A 81 11.33 -20.17 -1.39
C ASP A 81 12.80 -20.37 -0.97
N ARG A 82 13.57 -19.29 -0.92
CA ARG A 82 14.97 -19.34 -0.55
C ARG A 82 15.09 -19.56 0.91
N LEU A 83 14.26 -18.85 1.66
CA LEU A 83 14.16 -18.98 3.09
C LEU A 83 13.46 -20.20 3.62
N HIS A 84 12.47 -20.72 2.89
CA HIS A 84 11.56 -21.76 3.41
C HIS A 84 11.34 -22.84 2.38
N PRO A 85 12.42 -23.54 2.08
CA PRO A 85 12.26 -24.64 1.16
C PRO A 85 11.36 -25.76 1.76
N VAL A 86 10.64 -26.46 0.88
CA VAL A 86 9.64 -27.45 1.24
C VAL A 86 10.14 -28.84 0.83
N HIS A 87 9.73 -29.89 1.55
CA HIS A 87 10.15 -31.27 1.25
C HIS A 87 9.48 -31.71 -0.03
N ALA A 88 10.28 -32.18 -0.98
CA ALA A 88 9.76 -32.80 -2.17
C ALA A 88 9.16 -34.15 -1.79
N GLY A 89 8.31 -34.69 -2.66
CA GLY A 89 7.73 -36.02 -2.45
C GLY A 89 6.37 -36.00 -1.77
N PRO A 90 5.80 -37.21 -1.52
CA PRO A 90 4.39 -37.32 -1.18
C PRO A 90 4.02 -36.72 0.22
N ILE A 91 2.85 -36.15 0.28
CA ILE A 91 2.35 -35.57 1.50
C ILE A 91 1.93 -36.69 2.47
N ALA A 92 2.27 -36.54 3.75
CA ALA A 92 1.70 -37.34 4.84
C ALA A 92 0.17 -37.32 4.74
N PRO A 93 -0.49 -38.51 4.60
CA PRO A 93 -1.93 -38.60 4.35
C PRO A 93 -2.71 -37.85 5.38
N GLY A 94 -3.66 -37.04 4.91
CA GLY A 94 -4.49 -36.21 5.77
C GLY A 94 -3.81 -35.04 6.42
N GLN A 95 -2.50 -34.84 6.18
CA GLN A 95 -1.77 -33.77 6.84
C GLN A 95 -1.60 -32.49 5.93
N MET A 96 -1.19 -31.43 6.56
CA MET A 96 -1.02 -30.13 5.93
C MET A 96 0.40 -30.04 5.36
N ARG A 97 0.48 -29.73 4.07
CA ARG A 97 1.75 -29.52 3.38
C ARG A 97 2.26 -28.09 3.65
N GLU A 98 3.56 -27.86 3.51
CA GLU A 98 4.12 -26.52 3.73
C GLU A 98 3.96 -25.61 2.50
N PRO A 99 3.61 -24.32 2.72
CA PRO A 99 3.40 -23.48 1.50
C PRO A 99 4.69 -23.01 0.84
N ARG A 100 4.69 -23.05 -0.48
CA ARG A 100 5.72 -22.49 -1.31
C ARG A 100 5.29 -21.05 -1.66
N GLY A 101 6.16 -20.30 -2.33
CA GLY A 101 5.91 -18.93 -2.72
C GLY A 101 4.60 -18.82 -3.51
N SER A 102 4.46 -19.68 -4.50
CA SER A 102 3.32 -19.72 -5.36
C SER A 102 2.07 -20.17 -4.67
N ASP A 103 2.24 -20.87 -3.53
CA ASP A 103 1.10 -21.25 -2.71
C ASP A 103 0.58 -20.07 -1.96
N ILE A 104 1.48 -19.26 -1.43
CA ILE A 104 1.13 -18.05 -0.76
C ILE A 104 0.44 -17.07 -1.74
N ALA A 105 0.93 -17.03 -2.97
CA ALA A 105 0.37 -16.09 -3.97
C ALA A 105 -0.89 -16.63 -4.58
N GLY A 106 -1.31 -17.81 -4.17
CA GLY A 106 -2.58 -18.36 -4.58
C GLY A 106 -2.64 -19.00 -5.94
N THR A 107 -1.51 -19.13 -6.62
CA THR A 107 -1.56 -19.67 -7.99
C THR A 107 -1.43 -21.19 -8.02
N THR A 108 -0.83 -21.80 -6.98
CA THR A 108 -0.68 -23.24 -6.93
C THR A 108 -1.31 -23.86 -5.71
N SER A 109 -2.09 -23.10 -4.94
CA SER A 109 -2.75 -23.65 -3.74
C SER A 109 -4.25 -23.54 -3.95
N THR A 110 -5.02 -24.44 -3.35
CA THR A 110 -6.47 -24.35 -3.38
C THR A 110 -6.97 -23.47 -2.24
N LEU A 111 -8.22 -23.09 -2.34
CA LEU A 111 -8.90 -22.35 -1.28
C LEU A 111 -8.91 -23.14 0.01
N GLN A 112 -9.12 -24.45 -0.12
CA GLN A 112 -9.09 -25.35 0.99
C GLN A 112 -7.73 -25.36 1.69
N GLU A 113 -6.67 -25.47 0.92
CA GLU A 113 -5.34 -25.40 1.50
C GLU A 113 -5.08 -24.08 2.18
N GLN A 114 -5.50 -22.99 1.52
CA GLN A 114 -5.35 -21.64 2.10
C GLN A 114 -6.09 -21.52 3.46
N ILE A 115 -7.32 -22.02 3.49
CA ILE A 115 -8.11 -22.04 4.72
C ILE A 115 -7.41 -22.86 5.83
N GLY A 116 -6.88 -24.01 5.44
CA GLY A 116 -6.15 -24.86 6.37
C GLY A 116 -4.99 -24.16 6.97
N TRP A 117 -4.26 -23.36 6.18
CA TRP A 117 -3.09 -22.70 6.71
C TRP A 117 -3.51 -21.58 7.63
N MET A 118 -4.50 -20.80 7.18
CA MET A 118 -4.86 -19.61 7.88
C MET A 118 -5.59 -19.90 9.20
N THR A 119 -6.23 -21.04 9.32
CA THR A 119 -6.97 -21.40 10.53
C THR A 119 -6.27 -22.49 11.35
N HIS A 120 -5.05 -22.85 10.98
CA HIS A 120 -4.22 -23.76 11.79
C HIS A 120 -3.91 -23.13 13.14
N ASN A 121 -3.63 -23.98 14.13
CA ASN A 121 -3.19 -23.48 15.46
C ASN A 121 -1.71 -23.82 15.71
N PRO A 122 -0.79 -22.87 15.59
CA PRO A 122 -1.04 -21.48 15.23
C PRO A 122 -1.21 -21.28 13.71
N PRO A 123 -1.80 -20.15 13.31
CA PRO A 123 -2.01 -19.88 11.88
C PRO A 123 -0.72 -19.67 11.10
N ILE A 124 -0.69 -20.20 9.88
CA ILE A 124 0.32 -19.86 8.91
C ILE A 124 -0.29 -18.81 8.00
N PRO A 125 0.01 -17.51 8.25
CA PRO A 125 -0.83 -16.44 7.78
C PRO A 125 -0.61 -16.11 6.30
N VAL A 126 -1.00 -17.02 5.41
CA VAL A 126 -0.67 -16.86 4.00
C VAL A 126 -1.29 -15.62 3.35
N GLY A 127 -2.46 -15.27 3.83
CA GLY A 127 -3.11 -14.05 3.34
C GLY A 127 -2.33 -12.82 3.74
N GLU A 128 -1.92 -12.74 4.99
CA GLU A 128 -1.15 -11.58 5.45
C GLU A 128 0.22 -11.49 4.79
N ILE A 129 0.85 -12.62 4.55
CA ILE A 129 2.16 -12.68 3.93
C ILE A 129 2.03 -12.22 2.48
N TYR A 130 0.98 -12.65 1.80
CA TYR A 130 0.81 -12.28 0.39
C TYR A 130 0.43 -10.80 0.28
N LYS A 131 -0.41 -10.33 1.20
CA LYS A 131 -0.82 -8.93 1.17
C LYS A 131 0.38 -7.95 1.28
N ARG A 132 1.32 -8.31 2.16
CA ARG A 132 2.62 -7.60 2.25
CA ARG A 132 2.62 -7.62 2.25
C ARG A 132 3.37 -7.57 0.91
N TRP A 133 3.52 -8.69 0.23
CA TRP A 133 4.16 -8.68 -1.08
C TRP A 133 3.43 -7.77 -2.05
N ILE A 134 2.08 -7.78 -1.99
CA ILE A 134 1.28 -7.02 -2.92
C ILE A 134 1.43 -5.54 -2.66
N ILE A 135 1.36 -5.18 -1.41
CA ILE A 135 1.54 -3.81 -1.05
C ILE A 135 2.92 -3.27 -1.40
N LEU A 136 3.94 -4.07 -1.15
CA LEU A 136 5.30 -3.76 -1.62
C LEU A 136 5.25 -3.42 -3.10
N GLY A 137 4.58 -4.26 -3.89
CA GLY A 137 4.47 -3.99 -5.34
C GLY A 137 3.67 -2.78 -5.71
N LEU A 138 2.60 -2.55 -4.97
CA LEU A 138 1.74 -1.39 -5.22
C LEU A 138 2.46 -0.09 -4.87
N ASN A 139 3.32 -0.13 -3.85
CA ASN A 139 4.08 1.05 -3.49
C ASN A 139 5.07 1.44 -4.61
N LYS A 140 5.70 0.43 -5.23
CA LYS A 140 6.56 0.71 -6.40
C LYS A 140 5.78 1.36 -7.49
N ILE A 141 4.54 0.90 -7.73
CA ILE A 141 3.68 1.48 -8.74
C ILE A 141 3.32 2.93 -8.42
N VAL A 142 2.93 3.20 -7.17
CA VAL A 142 2.58 4.58 -6.72
C VAL A 142 3.77 5.53 -7.04
N ARG A 143 4.97 5.11 -6.66
CA ARG A 143 6.20 5.90 -6.93
C ARG A 143 6.47 6.09 -8.45
N MET A 144 6.19 5.05 -9.20
CA MET A 144 6.38 5.11 -10.64
C MET A 144 5.43 6.13 -11.28
N TYR A 145 4.17 6.16 -10.86
CA TYR A 145 3.17 7.02 -11.47
C TYR A 145 3.09 8.43 -10.84
N SER A 146 3.91 8.67 -9.84
CA SER A 146 3.97 9.99 -9.17
C SER A 146 4.48 10.90 -10.27
N PRO A 147 3.69 11.88 -10.67
CA PRO A 147 4.05 12.62 -11.88
C PRO A 147 5.07 13.73 -11.63
N THR A 148 5.38 14.09 -10.38
CA THR A 148 6.12 15.35 -10.09
C THR A 148 7.13 15.23 -8.99
N SER A 149 8.35 15.72 -9.26
CA SER A 149 9.41 15.78 -8.26
C SER A 149 9.07 16.85 -7.23
N ILE A 150 9.40 16.60 -5.95
CA ILE A 150 9.22 17.58 -4.93
C ILE A 150 9.96 18.88 -5.25
N LEU A 151 11.04 18.80 -6.01
CA LEU A 151 11.79 19.97 -6.42
C LEU A 151 11.02 20.96 -7.26
N ASP A 152 9.96 20.49 -7.93
CA ASP A 152 9.15 21.34 -8.77
C ASP A 152 7.85 21.79 -8.14
N ILE A 153 7.67 21.51 -6.88
CA ILE A 153 6.56 22.07 -6.13
C ILE A 153 7.02 23.33 -5.46
N ARG A 154 6.68 24.45 -6.10
CA ARG A 154 7.00 25.77 -5.60
C ARG A 154 5.74 26.63 -5.54
N GLN A 155 5.66 27.42 -4.47
CA GLN A 155 4.50 28.24 -4.22
C GLN A 155 4.40 29.36 -5.29
N GLY A 156 3.22 29.48 -5.86
CA GLY A 156 2.94 30.50 -6.83
C GLY A 156 2.79 31.89 -6.15
N PRO A 157 3.03 32.96 -6.93
CA PRO A 157 3.04 34.33 -6.35
C PRO A 157 1.72 34.68 -5.71
N LYS A 158 0.61 34.15 -6.22
CA LYS A 158 -0.70 34.41 -5.61
C LYS A 158 -1.34 33.15 -5.03
N GLU A 159 -0.57 32.09 -4.90
CA GLU A 159 -1.10 30.85 -4.42
C GLU A 159 -1.13 30.91 -2.91
N PRO A 160 -2.31 30.70 -2.33
CA PRO A 160 -2.37 30.64 -0.91
C PRO A 160 -1.41 29.57 -0.32
N PHE A 161 -0.74 29.92 0.75
CA PHE A 161 0.23 28.99 1.39
C PHE A 161 -0.33 27.58 1.60
N ARG A 162 -1.56 27.54 2.10
CA ARG A 162 -2.24 26.30 2.36
C ARG A 162 -2.30 25.40 1.12
N ASP A 163 -2.66 26.00 -0.01
CA ASP A 163 -2.78 25.25 -1.24
C ASP A 163 -1.44 24.73 -1.66
N TYR A 164 -0.40 25.57 -1.45
CA TYR A 164 0.98 25.11 -1.71
C TYR A 164 1.45 23.93 -0.86
N VAL A 165 1.22 24.02 0.43
CA VAL A 165 1.55 22.93 1.34
C VAL A 165 0.84 21.61 0.96
N ASP A 166 -0.46 21.70 0.61
CA ASP A 166 -1.21 20.57 0.17
C ASP A 166 -0.57 19.91 -1.03
N ARG A 167 -0.10 20.71 -1.99
CA ARG A 167 0.61 20.18 -3.17
C ARG A 167 1.93 19.50 -2.75
N PHE A 168 2.63 20.16 -1.84
CA PHE A 168 3.94 19.76 -1.41
C PHE A 168 3.84 18.42 -0.72
N TYR A 169 2.97 18.30 0.28
CA TYR A 169 2.88 17.01 0.96
C TYR A 169 2.18 15.97 0.18
N LYS A 170 1.38 16.36 -0.80
CA LYS A 170 0.74 15.34 -1.67
C LYS A 170 1.87 14.70 -2.51
N THR A 171 2.71 15.55 -3.04
CA THR A 171 3.86 15.08 -3.86
C THR A 171 4.82 14.21 -3.05
N LEU A 172 5.20 14.67 -1.85
CA LEU A 172 6.10 13.90 -1.02
C LEU A 172 5.53 12.51 -0.74
N ARG A 173 4.24 12.46 -0.46
CA ARG A 173 3.57 11.17 -0.21
C ARG A 173 3.70 10.21 -1.41
N ALA A 174 3.49 10.69 -2.64
CA ALA A 174 3.56 9.83 -3.84
C ALA A 174 5.00 9.40 -4.17
N GLU A 175 5.92 10.38 -4.05
CA GLU A 175 7.37 10.20 -4.15
C GLU A 175 7.92 9.28 -3.02
N GLN A 176 7.16 9.10 -1.96
CA GLN A 176 7.34 8.13 -0.89
C GLN A 176 8.46 8.47 0.04
N ALA A 177 8.58 9.77 0.33
CA ALA A 177 9.52 10.22 1.36
C ALA A 177 9.19 9.47 2.67
N SER A 178 10.20 9.09 3.44
CA SER A 178 10.00 8.59 4.80
C SER A 178 9.29 9.63 5.68
N GLN A 179 8.74 9.17 6.78
CA GLN A 179 8.16 10.11 7.75
C GLN A 179 9.19 11.08 8.39
N GLU A 180 10.48 10.68 8.47
CA GLU A 180 11.54 11.58 8.97
C GLU A 180 11.63 12.78 8.04
N VAL A 181 11.75 12.48 6.74
CA VAL A 181 11.89 13.50 5.71
C VAL A 181 10.65 14.43 5.69
N LYS A 182 9.46 13.85 5.91
CA LYS A 182 8.19 14.62 5.99
C LYS A 182 8.12 15.57 7.19
N ASN A 183 8.39 15.03 8.39
CA ASN A 183 8.61 15.85 9.60
C ASN A 183 9.76 16.88 9.46
N ALA A 184 10.85 16.50 8.76
CA ALA A 184 12.06 17.36 8.58
C ALA A 184 11.86 18.54 7.65
N ALA A 185 11.17 18.34 6.52
CA ALA A 185 11.13 19.35 5.41
C ALA A 185 10.49 20.70 5.79
N THR A 186 9.67 20.65 6.85
CA THR A 186 9.07 21.85 7.47
C THR A 186 10.15 22.91 7.77
N GLU A 187 11.35 22.49 8.12
CA GLU A 187 12.45 23.44 8.37
C GLU A 187 13.27 23.77 7.11
N THR A 188 12.99 23.16 5.95
CA THR A 188 13.90 23.33 4.82
C THR A 188 13.34 23.55 3.46
N LEU A 189 13.09 22.45 2.76
CA LEU A 189 12.64 22.52 1.39
C LEU A 189 11.26 23.25 1.34
N LEU A 190 10.45 23.08 2.36
CA LEU A 190 9.10 23.74 2.37
C LEU A 190 9.27 25.24 2.35
N VAL A 191 10.20 25.72 3.17
CA VAL A 191 10.52 27.14 3.23
C VAL A 191 11.19 27.59 1.93
N GLN A 192 12.20 26.85 1.47
CA GLN A 192 12.89 27.26 0.21
C GLN A 192 11.96 27.41 -0.99
N ASN A 193 10.97 26.54 -1.07
CA ASN A 193 10.13 26.51 -2.22
C ASN A 193 8.93 27.46 -2.08
N ALA A 194 8.82 28.13 -0.93
CA ALA A 194 7.75 29.11 -0.67
C ALA A 194 7.99 30.34 -1.51
N ASN A 195 6.97 31.16 -1.75
CA ASN A 195 7.16 32.40 -2.50
C ASN A 195 7.90 33.50 -1.67
N PRO A 196 8.31 34.63 -2.33
CA PRO A 196 9.17 35.59 -1.62
C PRO A 196 8.58 36.17 -0.33
N ASP A 197 7.32 36.59 -0.38
CA ASP A 197 6.63 37.17 0.79
C ASP A 197 6.47 36.20 1.95
N CYS A 198 6.06 34.96 1.64
CA CYS A 198 5.95 33.97 2.67
CA CYS A 198 5.95 33.90 2.63
C CYS A 198 7.34 33.53 3.15
N LYS A 199 8.28 33.34 2.24
CA LYS A 199 9.62 32.93 2.64
C LYS A 199 10.21 33.88 3.71
N THR A 200 10.10 35.17 3.47
CA THR A 200 10.56 36.15 4.45
C THR A 200 9.84 36.01 5.79
N ILE A 201 8.53 35.84 5.77
CA ILE A 201 7.78 35.65 7.01
C ILE A 201 8.29 34.40 7.74
N LEU A 202 8.52 33.33 6.99
CA LEU A 202 8.93 32.08 7.57
C LEU A 202 10.36 32.13 8.07
N LYS A 203 11.26 32.66 7.25
CA LYS A 203 12.67 32.88 7.64
C LYS A 203 12.76 33.57 8.99
N ALA A 204 11.95 34.60 9.17
CA ALA A 204 11.86 35.34 10.43
C ALA A 204 11.28 34.59 11.67
N LEU A 205 10.42 33.60 11.49
CA LEU A 205 9.88 32.86 12.64
C LEU A 205 10.97 32.17 13.46
N GLY A 206 12.06 31.79 12.79
CA GLY A 206 13.13 31.07 13.43
C GLY A 206 12.92 29.57 13.32
N PRO A 207 13.91 28.80 13.79
CA PRO A 207 13.81 27.36 13.69
C PRO A 207 12.90 26.82 14.78
N GLY A 208 12.39 25.61 14.53
CA GLY A 208 11.54 24.84 15.44
C GLY A 208 10.06 25.18 15.29
N ALA A 209 9.72 26.02 14.31
CA ALA A 209 8.30 26.35 14.04
C ALA A 209 7.47 25.10 13.67
N THR A 210 6.31 24.90 14.25
CA THR A 210 5.46 23.78 13.82
C THR A 210 4.96 24.10 12.41
N LEU A 211 4.35 23.11 11.77
CA LEU A 211 3.70 23.33 10.46
C LEU A 211 2.54 24.23 10.71
N GLU A 212 1.85 24.03 11.83
CA GLU A 212 0.70 24.90 12.20
C GLU A 212 1.12 26.40 12.27
N GLU A 213 2.29 26.61 12.82
CA GLU A 213 2.84 27.94 13.05
C GLU A 213 3.24 28.55 11.72
N MET A 214 3.84 27.76 10.84
CA MET A 214 4.15 28.23 9.53
C MET A 214 2.90 28.63 8.75
N MET A 215 1.88 27.78 8.81
CA MET A 215 0.65 28.04 8.05
C MET A 215 -0.08 29.24 8.61
N THR A 216 -0.19 29.35 9.93
CA THR A 216 -0.73 30.61 10.54
C THR A 216 0.06 31.87 10.11
N ALA A 217 1.38 31.78 10.10
CA ALA A 217 2.29 32.86 9.74
C ALA A 217 2.03 33.38 8.35
N CYS A 218 1.89 32.47 7.37
CA CYS A 218 1.68 32.86 5.99
C CYS A 218 0.18 32.91 5.60
N GLN A 219 -0.71 32.79 6.55
CA GLN A 219 -2.14 32.99 6.26
C GLN A 219 -2.28 34.48 6.09
#